data_6NXX
#
_entry.id   6NXX
#
_cell.length_a   67.410
_cell.length_b   92.560
_cell.length_c   97.170
_cell.angle_alpha   90.000
_cell.angle_beta   90.000
_cell.angle_gamma   90.000
#
_symmetry.space_group_name_H-M   'P 21 21 21'
#
loop_
_entity.id
_entity.type
_entity.pdbx_description
1 polymer 'Triosephosphate isomerase, cytosolic'
2 non-polymer 'SODIUM ION'
3 water water
#
_entity_poly.entity_id   1
_entity_poly.type   'polypeptide(L)'
_entity_poly.pdbx_seq_one_letter_code
;GPHMARKFFVGGNWKCNGTAEEVKKIVNTLNEAQVPSQDVVEVVVSPPYVFLPLVKSTLRSDFFVAAQNCWVKKGGAFTG
EVSAEMLVNLDIPWVILGHSERRAILNESSEFVGDKVAYALAQGLKVIACVGETLEEREAGSTMDVVAAQTKAIADRVTN
WSNVVIAYEPVWAIGTGKVASPAQAQEVHDELRKWLAKNVSADVAATTRIIYGGSVNGGNKKELGGQADVDGFLVGGASL
KPEFIDIIKAAEVKKSA
;
_entity_poly.pdbx_strand_id   A,B
#
loop_
_chem_comp.id
_chem_comp.type
_chem_comp.name
_chem_comp.formula
NA non-polymer 'SODIUM ION' 'Na 1'
#
# COMPACT_ATOMS: atom_id res chain seq x y z
N MET A 4 -32.63 -4.09 18.30
CA MET A 4 -32.52 -5.45 17.78
C MET A 4 -31.12 -6.02 18.03
N ALA A 5 -31.01 -7.35 17.98
CA ALA A 5 -29.73 -7.99 18.24
C ALA A 5 -28.72 -7.65 17.14
N ARG A 6 -27.44 -7.62 17.52
CA ARG A 6 -26.40 -7.28 16.56
C ARG A 6 -26.16 -8.45 15.62
N LYS A 7 -26.15 -8.16 14.32
CA LYS A 7 -25.92 -9.20 13.32
C LYS A 7 -24.47 -9.67 13.35
N PHE A 8 -24.30 -10.99 13.46
CA PHE A 8 -22.98 -11.61 13.46
C PHE A 8 -22.21 -11.20 12.21
N PHE A 9 -20.91 -10.97 12.38
CA PHE A 9 -20.08 -10.40 11.33
C PHE A 9 -18.79 -11.21 11.26
N VAL A 10 -18.46 -11.72 10.07
CA VAL A 10 -17.24 -12.50 9.89
C VAL A 10 -16.43 -11.86 8.76
N GLY A 11 -15.26 -11.34 9.10
CA GLY A 11 -14.37 -10.71 8.14
C GLY A 11 -13.17 -11.62 7.93
N GLY A 12 -12.74 -11.73 6.68
CA GLY A 12 -11.56 -12.52 6.38
C GLY A 12 -10.44 -11.67 5.82
N ASN A 13 -9.38 -11.51 6.59
CA ASN A 13 -8.23 -10.67 6.21
C ASN A 13 -7.17 -11.56 5.59
N TRP A 14 -7.03 -11.49 4.25
CA TRP A 14 -6.03 -12.29 3.55
C TRP A 14 -4.61 -11.84 3.85
N LYS A 15 -4.43 -10.62 4.36
CA LYS A 15 -3.10 -10.03 4.61
C LYS A 15 -2.30 -10.02 3.30
N CYS A 16 -0.98 -10.11 3.39
CA CYS A 16 -0.12 -9.99 2.21
C CYS A 16 0.10 -11.38 1.62
N ASN A 17 -0.98 -11.94 1.07
CA ASN A 17 -0.99 -13.27 0.49
C ASN A 17 -1.85 -13.30 -0.75
N GLY A 18 -1.50 -14.18 -1.68
CA GLY A 18 -2.34 -14.41 -2.83
C GLY A 18 -1.60 -14.34 -4.16
N THR A 19 -1.94 -15.26 -5.04
CA THR A 19 -1.61 -15.21 -6.46
C THR A 19 -2.92 -15.24 -7.23
N ALA A 20 -2.87 -14.90 -8.51
CA ALA A 20 -4.09 -14.95 -9.31
C ALA A 20 -4.74 -16.32 -9.24
N GLU A 21 -3.91 -17.37 -9.29
N GLU A 21 -3.95 -17.40 -9.32
CA GLU A 21 -4.39 -18.74 -9.24
CA GLU A 21 -4.56 -18.72 -9.30
C GLU A 21 -5.03 -19.05 -7.89
C GLU A 21 -5.10 -19.06 -7.91
N GLU A 22 -4.35 -18.70 -6.80
N GLU A 22 -4.37 -18.69 -6.86
CA GLU A 22 -4.90 -18.96 -5.48
CA GLU A 22 -4.85 -18.91 -5.50
C GLU A 22 -6.16 -18.14 -5.22
C GLU A 22 -6.13 -18.14 -5.24
N VAL A 23 -6.21 -16.92 -5.75
CA VAL A 23 -7.42 -16.10 -5.57
C VAL A 23 -8.61 -16.75 -6.26
N LYS A 24 -8.41 -17.26 -7.49
CA LYS A 24 -9.49 -17.94 -8.18
C LYS A 24 -10.01 -19.13 -7.37
N LYS A 25 -9.10 -19.92 -6.79
CA LYS A 25 -9.51 -21.07 -5.99
C LYS A 25 -10.30 -20.63 -4.76
N ILE A 26 -9.80 -19.61 -4.05
CA ILE A 26 -10.49 -19.12 -2.85
C ILE A 26 -11.89 -18.65 -3.21
N VAL A 27 -12.00 -17.87 -4.29
CA VAL A 27 -13.29 -17.28 -4.62
C VAL A 27 -14.25 -18.35 -5.06
N ASN A 28 -13.78 -19.33 -5.84
CA ASN A 28 -14.68 -20.42 -6.24
C ASN A 28 -15.19 -21.19 -5.03
N THR A 29 -14.32 -21.43 -4.05
CA THR A 29 -14.75 -22.16 -2.86
C THR A 29 -15.76 -21.35 -2.05
N LEU A 30 -15.53 -20.04 -1.94
CA LEU A 30 -16.52 -19.18 -1.30
C LEU A 30 -17.83 -19.20 -2.07
N ASN A 31 -17.76 -19.15 -3.39
CA ASN A 31 -18.99 -19.05 -4.18
C ASN A 31 -19.84 -20.31 -4.06
N GLU A 32 -19.21 -21.46 -3.84
CA GLU A 32 -19.92 -22.72 -3.67
C GLU A 32 -20.34 -22.99 -2.23
N ALA A 33 -19.96 -22.12 -1.29
CA ALA A 33 -20.28 -22.37 0.11
C ALA A 33 -21.78 -22.19 0.36
N GLN A 34 -22.28 -22.93 1.35
CA GLN A 34 -23.67 -22.82 1.78
C GLN A 34 -23.62 -22.47 3.25
N VAL A 35 -23.99 -21.23 3.58
CA VAL A 35 -23.75 -20.68 4.90
C VAL A 35 -25.07 -20.09 5.41
N PRO A 36 -25.12 -19.64 6.67
CA PRO A 36 -26.36 -19.03 7.18
C PRO A 36 -26.77 -17.80 6.37
N SER A 37 -28.06 -17.48 6.47
CA SER A 37 -28.63 -16.42 5.67
C SER A 37 -27.99 -15.06 5.97
N GLN A 38 -28.15 -14.15 5.00
N GLN A 38 -28.16 -14.15 5.02
CA GLN A 38 -27.71 -12.77 5.17
CA GLN A 38 -27.69 -12.77 5.20
C GLN A 38 -28.33 -12.11 6.39
C GLN A 38 -28.36 -12.07 6.36
N ASP A 39 -29.49 -12.60 6.85
CA ASP A 39 -30.09 -12.04 8.05
C ASP A 39 -29.32 -12.44 9.30
N VAL A 40 -28.55 -13.53 9.23
CA VAL A 40 -27.87 -14.14 10.37
C VAL A 40 -26.40 -13.73 10.40
N VAL A 41 -25.79 -13.57 9.23
CA VAL A 41 -24.35 -13.29 9.24
C VAL A 41 -24.00 -12.39 8.05
N GLU A 42 -23.09 -11.45 8.31
CA GLU A 42 -22.57 -10.53 7.30
C GLU A 42 -21.11 -10.92 7.06
N VAL A 43 -20.76 -11.20 5.79
CA VAL A 43 -19.46 -11.77 5.46
C VAL A 43 -18.69 -10.79 4.60
N VAL A 44 -17.45 -10.48 5.01
CA VAL A 44 -16.56 -9.59 4.28
C VAL A 44 -15.23 -10.29 4.06
N VAL A 45 -14.67 -10.18 2.85
CA VAL A 45 -13.36 -10.75 2.55
C VAL A 45 -12.44 -9.63 2.05
N SER A 46 -11.17 -9.70 2.45
CA SER A 46 -10.25 -8.59 2.24
C SER A 46 -8.97 -9.03 1.53
N PRO A 47 -8.92 -8.92 0.21
CA PRO A 47 -7.71 -9.27 -0.54
C PRO A 47 -6.72 -8.11 -0.60
N PRO A 48 -5.46 -8.37 -0.97
CA PRO A 48 -4.54 -7.26 -1.27
C PRO A 48 -5.08 -6.35 -2.37
N TYR A 49 -4.55 -5.11 -2.39
CA TYR A 49 -5.05 -4.11 -3.34
C TYR A 49 -5.09 -4.64 -4.76
N VAL A 50 -4.04 -5.36 -5.18
CA VAL A 50 -3.91 -5.73 -6.59
C VAL A 50 -4.92 -6.77 -7.01
N PHE A 51 -5.63 -7.39 -6.06
CA PHE A 51 -6.67 -8.35 -6.37
C PHE A 51 -8.07 -7.83 -6.08
N LEU A 52 -8.22 -6.57 -5.67
CA LEU A 52 -9.56 -6.06 -5.36
C LEU A 52 -10.49 -6.08 -6.56
N PRO A 53 -10.10 -5.60 -7.75
CA PRO A 53 -11.02 -5.70 -8.90
C PRO A 53 -11.35 -7.15 -9.24
N LEU A 54 -10.36 -8.03 -9.21
CA LEU A 54 -10.59 -9.43 -9.57
C LEU A 54 -11.60 -10.07 -8.62
N VAL A 55 -11.39 -9.91 -7.32
CA VAL A 55 -12.31 -10.51 -6.35
C VAL A 55 -13.69 -9.88 -6.45
N LYS A 56 -13.77 -8.55 -6.58
CA LYS A 56 -15.08 -7.92 -6.66
C LYS A 56 -15.83 -8.40 -7.90
N SER A 57 -15.11 -8.63 -9.00
CA SER A 57 -15.79 -9.04 -10.23
C SER A 57 -16.22 -10.49 -10.24
N THR A 58 -15.71 -11.33 -9.32
CA THR A 58 -16.01 -12.76 -9.37
C THR A 58 -16.69 -13.30 -8.12
N LEU A 59 -16.70 -12.56 -7.02
CA LEU A 59 -17.25 -13.07 -5.77
C LEU A 59 -18.77 -12.95 -5.72
N ARG A 60 -19.40 -13.94 -5.09
CA ARG A 60 -20.85 -13.93 -4.89
C ARG A 60 -21.30 -12.59 -4.31
N SER A 61 -22.45 -12.10 -4.78
CA SER A 61 -22.84 -10.74 -4.46
C SER A 61 -23.30 -10.57 -3.02
N ASP A 62 -23.53 -11.67 -2.28
CA ASP A 62 -23.90 -11.57 -0.88
C ASP A 62 -22.72 -11.65 0.07
N PHE A 63 -21.49 -11.82 -0.43
CA PHE A 63 -20.28 -11.56 0.34
C PHE A 63 -19.71 -10.22 -0.15
N PHE A 64 -19.02 -9.52 0.73
CA PHE A 64 -18.59 -8.17 0.41
C PHE A 64 -17.07 -8.06 0.48
N VAL A 65 -16.53 -7.08 -0.23
CA VAL A 65 -15.08 -6.95 -0.41
C VAL A 65 -14.56 -5.76 0.38
N ALA A 66 -13.44 -5.95 1.06
CA ALA A 66 -12.77 -4.90 1.82
C ALA A 66 -11.35 -4.71 1.35
N ALA A 67 -10.92 -3.46 1.27
CA ALA A 67 -9.48 -3.20 1.19
C ALA A 67 -8.86 -3.36 2.56
N GLN A 68 -7.57 -3.66 2.57
CA GLN A 68 -6.85 -3.87 3.83
C GLN A 68 -6.32 -2.59 4.46
N ASN A 69 -6.46 -1.44 3.80
CA ASN A 69 -5.94 -0.16 4.23
C ASN A 69 -6.40 0.87 3.21
N CYS A 70 -6.28 2.15 3.57
CA CYS A 70 -6.40 3.22 2.58
C CYS A 70 -5.74 4.46 3.16
N TRP A 71 -5.63 5.49 2.33
CA TRP A 71 -4.93 6.70 2.71
C TRP A 71 -5.79 7.56 3.65
N VAL A 72 -5.11 8.47 4.36
CA VAL A 72 -5.74 9.27 5.41
C VAL A 72 -6.61 10.41 4.88
N LYS A 73 -6.42 10.82 3.63
CA LYS A 73 -7.15 11.97 3.12
C LYS A 73 -7.27 11.84 1.60
N LYS A 74 -7.65 12.95 0.95
CA LYS A 74 -7.77 12.96 -0.50
C LYS A 74 -6.47 12.53 -1.15
N GLY A 75 -6.60 11.91 -2.32
CA GLY A 75 -5.44 11.52 -3.09
C GLY A 75 -4.65 12.70 -3.63
N GLY A 76 -3.56 12.36 -4.31
CA GLY A 76 -2.60 13.36 -4.75
C GLY A 76 -1.19 12.83 -4.64
N ALA A 77 -0.28 13.64 -4.10
CA ALA A 77 1.16 13.36 -4.14
C ALA A 77 1.56 12.45 -2.98
N PHE A 78 1.08 11.20 -3.05
CA PHE A 78 1.29 10.22 -1.98
C PHE A 78 1.63 8.89 -2.63
N THR A 79 2.84 8.84 -3.19
CA THR A 79 3.30 7.67 -3.93
C THR A 79 3.15 6.40 -3.12
N GLY A 80 2.51 5.41 -3.73
CA GLY A 80 2.30 4.11 -3.13
C GLY A 80 1.01 3.94 -2.35
N GLU A 81 0.26 5.02 -2.12
CA GLU A 81 -0.97 4.93 -1.34
C GLU A 81 -2.22 4.83 -2.22
N VAL A 82 -3.29 4.32 -1.62
CA VAL A 82 -4.57 4.11 -2.30
C VAL A 82 -5.64 4.90 -1.55
N SER A 83 -6.31 5.81 -2.24
CA SER A 83 -7.25 6.68 -1.55
C SER A 83 -8.61 6.01 -1.39
N ALA A 84 -9.38 6.51 -0.40
CA ALA A 84 -10.73 6.02 -0.21
C ALA A 84 -11.59 6.23 -1.46
N GLU A 85 -11.41 7.36 -2.14
CA GLU A 85 -12.23 7.59 -3.33
C GLU A 85 -11.87 6.63 -4.45
N MET A 86 -10.63 6.12 -4.49
CA MET A 86 -10.31 5.04 -5.43
C MET A 86 -11.12 3.79 -5.12
N LEU A 87 -11.19 3.43 -3.83
CA LEU A 87 -11.97 2.26 -3.44
C LEU A 87 -13.44 2.41 -3.83
N VAL A 88 -14.01 3.60 -3.60
CA VAL A 88 -15.39 3.85 -4.01
C VAL A 88 -15.53 3.74 -5.51
N ASN A 89 -14.55 4.28 -6.27
CA ASN A 89 -14.59 4.21 -7.73
C ASN A 89 -14.61 2.78 -8.22
N LEU A 90 -13.96 1.87 -7.50
CA LEU A 90 -13.90 0.46 -7.85
C LEU A 90 -15.01 -0.35 -7.20
N ASP A 91 -15.97 0.31 -6.56
CA ASP A 91 -17.11 -0.36 -5.93
C ASP A 91 -16.67 -1.36 -4.87
N ILE A 92 -15.64 -0.99 -4.10
CA ILE A 92 -15.21 -1.75 -2.94
C ILE A 92 -15.86 -1.11 -1.71
N PRO A 93 -16.77 -1.82 -1.01
CA PRO A 93 -17.57 -1.14 0.02
C PRO A 93 -16.93 -1.02 1.39
N TRP A 94 -15.94 -1.85 1.71
CA TRP A 94 -15.37 -1.90 3.06
C TRP A 94 -13.88 -1.62 3.04
N VAL A 95 -13.34 -1.23 4.20
CA VAL A 95 -11.90 -1.09 4.38
C VAL A 95 -11.58 -1.47 5.82
N ILE A 96 -10.47 -2.19 6.00
CA ILE A 96 -9.88 -2.46 7.32
C ILE A 96 -8.92 -1.33 7.64
N LEU A 97 -9.03 -0.75 8.84
CA LEU A 97 -8.16 0.35 9.24
C LEU A 97 -7.62 0.09 10.64
N GLY A 98 -6.35 0.43 10.82
CA GLY A 98 -5.73 0.30 12.12
C GLY A 98 -5.34 -1.10 12.51
N HIS A 99 -5.22 -2.01 11.55
CA HIS A 99 -4.81 -3.37 11.87
C HIS A 99 -3.52 -3.38 12.68
N SER A 100 -3.43 -4.35 13.60
CA SER A 100 -2.30 -4.42 14.52
C SER A 100 -0.96 -4.40 13.79
N GLU A 101 -0.88 -5.05 12.63
CA GLU A 101 0.38 -5.09 11.89
C GLU A 101 0.76 -3.71 11.37
N ARG A 102 -0.23 -2.87 11.04
CA ARG A 102 0.07 -1.51 10.58
C ARG A 102 0.39 -0.57 11.74
N ARG A 103 -0.30 -0.72 12.89
CA ARG A 103 0.08 0.05 14.07
C ARG A 103 1.49 -0.29 14.54
N ALA A 104 1.86 -1.57 14.51
CA ALA A 104 3.14 -2.00 15.08
C ALA A 104 4.27 -1.88 14.07
N ILE A 105 4.16 -2.56 12.93
CA ILE A 105 5.28 -2.61 11.99
C ILE A 105 5.42 -1.29 11.24
N LEU A 106 4.30 -0.72 10.78
CA LEU A 106 4.33 0.51 9.99
C LEU A 106 4.10 1.75 10.85
N ASN A 107 4.00 1.59 12.18
CA ASN A 107 3.96 2.70 13.12
C ASN A 107 2.80 3.65 12.88
N GLU A 108 1.65 3.11 12.50
CA GLU A 108 0.45 3.94 12.37
C GLU A 108 -0.02 4.36 13.76
N SER A 109 -0.12 5.66 14.00
CA SER A 109 -0.56 6.14 15.32
C SER A 109 -2.07 6.05 15.46
N SER A 110 -2.54 6.11 16.71
CA SER A 110 -3.98 6.09 16.92
C SER A 110 -4.67 7.27 16.26
N GLU A 111 -4.02 8.44 16.24
CA GLU A 111 -4.61 9.62 15.60
C GLU A 111 -4.64 9.48 14.09
N PHE A 112 -3.57 8.94 13.51
CA PHE A 112 -3.52 8.61 12.08
C PHE A 112 -4.65 7.65 11.72
N VAL A 113 -4.81 6.57 12.50
CA VAL A 113 -5.89 5.63 12.27
C VAL A 113 -7.25 6.33 12.38
N GLY A 114 -7.42 7.12 13.44
CA GLY A 114 -8.66 7.86 13.61
C GLY A 114 -8.99 8.73 12.42
N ASP A 115 -8.00 9.46 11.90
CA ASP A 115 -8.23 10.31 10.74
C ASP A 115 -8.61 9.48 9.51
N LYS A 116 -8.01 8.30 9.36
CA LYS A 116 -8.39 7.40 8.26
C LYS A 116 -9.83 6.96 8.37
N VAL A 117 -10.25 6.54 9.57
CA VAL A 117 -11.62 6.09 9.76
C VAL A 117 -12.60 7.18 9.37
N ALA A 118 -12.36 8.40 9.86
CA ALA A 118 -13.28 9.50 9.57
C ALA A 118 -13.31 9.80 8.08
N TYR A 119 -12.15 9.81 7.42
CA TYR A 119 -12.13 10.11 5.99
C TYR A 119 -12.82 9.00 5.19
N ALA A 120 -12.56 7.74 5.54
CA ALA A 120 -13.20 6.64 4.84
C ALA A 120 -14.73 6.70 4.98
N LEU A 121 -15.22 6.95 6.20
CA LEU A 121 -16.65 7.09 6.40
C LEU A 121 -17.20 8.26 5.60
N ALA A 122 -16.44 9.35 5.54
CA ALA A 122 -16.94 10.53 4.82
C ALA A 122 -17.08 10.26 3.34
N GLN A 123 -16.28 9.33 2.80
CA GLN A 123 -16.37 8.96 1.40
C GLN A 123 -17.40 7.87 1.14
N GLY A 124 -18.05 7.37 2.19
CA GLY A 124 -19.09 6.38 2.04
C GLY A 124 -18.66 4.95 2.27
N LEU A 125 -17.41 4.73 2.66
CA LEU A 125 -16.97 3.39 2.96
C LEU A 125 -17.49 2.93 4.31
N LYS A 126 -17.57 1.62 4.46
CA LYS A 126 -17.77 0.98 5.75
C LYS A 126 -16.42 0.54 6.28
N VAL A 127 -16.25 0.57 7.60
CA VAL A 127 -14.92 0.46 8.20
C VAL A 127 -14.90 -0.64 9.24
N ILE A 128 -13.92 -1.53 9.13
CA ILE A 128 -13.53 -2.41 10.23
C ILE A 128 -12.37 -1.72 10.93
N ALA A 129 -12.63 -1.10 12.08
CA ALA A 129 -11.62 -0.35 12.83
C ALA A 129 -11.00 -1.27 13.87
N CYS A 130 -9.69 -1.44 13.81
CA CYS A 130 -8.98 -2.41 14.64
C CYS A 130 -8.29 -1.75 15.82
N VAL A 131 -8.39 -2.40 16.99
CA VAL A 131 -7.70 -1.98 18.21
C VAL A 131 -7.08 -3.21 18.86
N GLY A 132 -6.12 -2.99 19.75
CA GLY A 132 -5.49 -4.10 20.45
C GLY A 132 -4.17 -3.76 21.11
N GLU A 133 -3.88 -4.41 22.24
CA GLU A 133 -2.69 -4.12 23.03
C GLU A 133 -1.62 -5.20 22.84
N THR A 134 -0.36 -4.79 22.94
CA THR A 134 0.80 -5.67 22.83
C THR A 134 0.99 -6.50 24.09
N LEU A 135 1.89 -7.49 24.00
CA LEU A 135 2.24 -8.28 25.17
C LEU A 135 2.81 -7.39 26.28
N GLU A 136 3.72 -6.49 25.92
CA GLU A 136 4.29 -5.59 26.92
C GLU A 136 3.21 -4.76 27.58
N GLU A 137 2.25 -4.25 26.79
CA GLU A 137 1.20 -3.42 27.35
C GLU A 137 0.30 -4.22 28.28
N ARG A 138 -0.01 -5.46 27.92
CA ARG A 138 -0.88 -6.26 28.77
C ARG A 138 -0.19 -6.58 30.08
N GLU A 139 1.09 -6.96 30.02
CA GLU A 139 1.80 -7.33 31.25
C GLU A 139 2.02 -6.13 32.15
N ALA A 140 1.97 -4.91 31.62
CA ALA A 140 2.05 -3.72 32.45
C ALA A 140 0.71 -3.34 33.07
N GLY A 141 -0.36 -4.06 32.76
CA GLY A 141 -1.67 -3.74 33.27
C GLY A 141 -2.41 -2.68 32.49
N SER A 142 -2.02 -2.44 31.23
CA SER A 142 -2.54 -1.31 30.47
C SER A 142 -3.48 -1.74 29.35
N THR A 143 -4.00 -2.97 29.39
CA THR A 143 -4.89 -3.44 28.32
C THR A 143 -6.02 -2.45 28.03
N MET A 144 -6.77 -2.07 29.05
CA MET A 144 -7.92 -1.21 28.77
C MET A 144 -7.51 0.25 28.61
N ASP A 145 -6.41 0.67 29.25
CA ASP A 145 -5.85 1.98 28.94
C ASP A 145 -5.56 2.11 27.45
N VAL A 146 -4.92 1.08 26.88
CA VAL A 146 -4.51 1.11 25.48
C VAL A 146 -5.73 1.02 24.56
N VAL A 147 -6.60 0.03 24.80
CA VAL A 147 -7.76 -0.14 23.93
C VAL A 147 -8.67 1.08 23.99
N ALA A 148 -8.85 1.66 25.19
CA ALA A 148 -9.66 2.86 25.29
C ALA A 148 -9.02 4.04 24.56
N ALA A 149 -7.70 4.19 24.66
CA ALA A 149 -7.04 5.30 24.00
C ALA A 149 -7.13 5.17 22.48
N GLN A 150 -6.94 3.95 21.97
CA GLN A 150 -7.08 3.73 20.53
C GLN A 150 -8.50 4.01 20.07
N THR A 151 -9.50 3.57 20.87
CA THR A 151 -10.89 3.76 20.50
C THR A 151 -11.27 5.24 20.62
N LYS A 152 -10.76 5.92 21.64
CA LYS A 152 -11.10 7.33 21.82
C LYS A 152 -10.59 8.17 20.66
N ALA A 153 -9.39 7.86 20.16
CA ALA A 153 -8.87 8.58 19.01
C ALA A 153 -9.80 8.48 17.82
N ILE A 154 -10.45 7.32 17.66
CA ILE A 154 -11.44 7.18 16.60
C ILE A 154 -12.71 7.93 16.95
N ALA A 155 -13.22 7.71 18.17
CA ALA A 155 -14.47 8.33 18.60
C ALA A 155 -14.41 9.85 18.52
N ASP A 156 -13.25 10.44 18.84
CA ASP A 156 -13.08 11.88 18.79
C ASP A 156 -13.22 12.43 17.38
N ARG A 157 -13.10 11.58 16.37
CA ARG A 157 -13.12 11.99 14.97
C ARG A 157 -14.34 11.50 14.22
N VAL A 158 -15.20 10.71 14.84
CA VAL A 158 -16.31 10.05 14.15
C VAL A 158 -17.60 10.53 14.79
N THR A 159 -18.56 10.92 13.95
CA THR A 159 -19.88 11.31 14.43
C THR A 159 -20.93 10.23 14.22
N ASN A 160 -20.76 9.39 13.20
CA ASN A 160 -21.72 8.35 12.87
C ASN A 160 -21.02 6.99 12.94
N TRP A 161 -21.49 6.12 13.82
CA TRP A 161 -20.92 4.79 14.01
C TRP A 161 -21.65 3.70 13.24
N SER A 162 -22.69 4.04 12.47
CA SER A 162 -23.54 3.01 11.87
C SER A 162 -22.74 2.06 11.00
N ASN A 163 -21.77 2.59 10.26
CA ASN A 163 -20.99 1.80 9.31
C ASN A 163 -19.61 1.44 9.85
N VAL A 164 -19.46 1.36 11.17
CA VAL A 164 -18.22 0.95 11.81
C VAL A 164 -18.45 -0.39 12.48
N VAL A 165 -17.49 -1.30 12.31
CA VAL A 165 -17.35 -2.51 13.08
C VAL A 165 -16.00 -2.43 13.79
N ILE A 166 -15.97 -2.71 15.09
CA ILE A 166 -14.71 -2.68 15.84
C ILE A 166 -14.18 -4.11 15.92
N ALA A 167 -12.90 -4.29 15.61
CA ALA A 167 -12.22 -5.57 15.80
C ALA A 167 -11.20 -5.44 16.92
N TYR A 168 -11.34 -6.29 17.94
CA TYR A 168 -10.35 -6.34 19.01
C TYR A 168 -9.33 -7.43 18.70
N GLU A 169 -8.06 -7.04 18.59
CA GLU A 169 -7.00 -7.99 18.29
C GLU A 169 -6.16 -8.23 19.53
N PRO A 170 -6.18 -9.42 20.10
CA PRO A 170 -5.30 -9.71 21.26
C PRO A 170 -3.86 -9.97 20.81
N VAL A 171 -3.17 -8.87 20.50
CA VAL A 171 -1.85 -8.94 19.91
C VAL A 171 -0.90 -9.67 20.84
N TRP A 172 -1.07 -9.45 22.14
CA TRP A 172 -0.31 -10.08 23.20
C TRP A 172 -0.33 -11.61 23.12
N ALA A 173 -1.33 -12.19 22.46
CA ALA A 173 -1.44 -13.65 22.44
C ALA A 173 -0.50 -14.30 21.44
N ILE A 174 0.03 -13.53 20.48
CA ILE A 174 1.06 -14.07 19.60
C ILE A 174 2.37 -14.24 20.38
N GLY A 175 2.73 -13.26 21.19
CA GLY A 175 3.96 -13.35 21.95
C GLY A 175 3.90 -14.43 23.02
N THR A 176 2.83 -14.43 23.81
CA THR A 176 2.67 -15.42 24.88
C THR A 176 2.41 -16.83 24.37
N GLY A 177 2.31 -17.02 23.05
CA GLY A 177 1.96 -18.31 22.49
C GLY A 177 0.65 -18.87 23.00
N LYS A 178 -0.23 -18.00 23.52
CA LYS A 178 -1.42 -18.43 24.22
C LYS A 178 -2.65 -18.35 23.32
N VAL A 179 -3.48 -19.38 23.38
CA VAL A 179 -4.84 -19.28 22.87
C VAL A 179 -5.63 -18.52 23.92
N ALA A 180 -5.87 -17.23 23.68
CA ALA A 180 -6.68 -16.45 24.61
C ALA A 180 -8.02 -17.14 24.82
N SER A 181 -8.44 -17.27 26.07
CA SER A 181 -9.66 -18.02 26.34
C SER A 181 -10.90 -17.22 25.94
N PRO A 182 -12.03 -17.89 25.73
CA PRO A 182 -13.27 -17.16 25.48
C PRO A 182 -13.59 -16.17 26.57
N ALA A 183 -13.25 -16.50 27.82
CA ALA A 183 -13.48 -15.53 28.90
C ALA A 183 -12.59 -14.30 28.74
N GLN A 184 -11.37 -14.47 28.22
CA GLN A 184 -10.48 -13.33 28.02
C GLN A 184 -10.99 -12.43 26.90
N ALA A 185 -11.55 -13.01 25.85
CA ALA A 185 -12.16 -12.19 24.80
C ALA A 185 -13.35 -11.41 25.35
N GLN A 186 -14.24 -12.12 26.05
CA GLN A 186 -15.46 -11.50 26.57
C GLN A 186 -15.14 -10.35 27.53
N GLU A 187 -14.12 -10.50 28.38
CA GLU A 187 -13.86 -9.41 29.33
C GLU A 187 -13.41 -8.15 28.61
N VAL A 188 -12.59 -8.27 27.57
CA VAL A 188 -12.18 -7.08 26.83
C VAL A 188 -13.35 -6.52 26.03
N HIS A 189 -14.10 -7.37 25.34
CA HIS A 189 -15.22 -6.88 24.55
C HIS A 189 -16.23 -6.17 25.43
N ASP A 190 -16.49 -6.73 26.63
CA ASP A 190 -17.45 -6.12 27.53
C ASP A 190 -16.98 -4.74 27.98
N GLU A 191 -15.71 -4.62 28.38
CA GLU A 191 -15.18 -3.34 28.82
C GLU A 191 -15.14 -2.34 27.68
N LEU A 192 -14.83 -2.81 26.46
CA LEU A 192 -14.86 -1.93 25.30
C LEU A 192 -16.26 -1.41 25.02
N ARG A 193 -17.27 -2.29 25.10
CA ARG A 193 -18.64 -1.85 24.87
C ARG A 193 -19.09 -0.88 25.96
N LYS A 194 -18.72 -1.17 27.21
CA LYS A 194 -19.03 -0.26 28.31
C LYS A 194 -18.38 1.10 28.10
N TRP A 195 -17.16 1.11 27.52
CA TRP A 195 -16.51 2.38 27.19
C TRP A 195 -17.33 3.16 26.17
N LEU A 196 -17.83 2.50 25.12
CA LEU A 196 -18.67 3.19 24.14
C LEU A 196 -19.93 3.74 24.79
N ALA A 197 -20.53 2.99 25.71
CA ALA A 197 -21.76 3.44 26.35
C ALA A 197 -21.52 4.72 27.14
N LYS A 198 -20.39 4.80 27.85
CA LYS A 198 -20.10 5.94 28.70
C LYS A 198 -19.52 7.12 27.93
N ASN A 199 -18.78 6.86 26.85
CA ASN A 199 -18.06 7.94 26.16
C ASN A 199 -18.65 8.32 24.81
N VAL A 200 -19.57 7.52 24.28
CA VAL A 200 -20.23 7.87 23.03
C VAL A 200 -21.73 7.94 23.29
N SER A 201 -22.37 6.79 23.40
CA SER A 201 -23.79 6.72 23.76
C SER A 201 -24.18 5.27 24.03
N ALA A 202 -25.26 5.10 24.80
CA ALA A 202 -25.78 3.76 25.02
C ALA A 202 -26.21 3.11 23.71
N ASP A 203 -26.81 3.88 22.80
CA ASP A 203 -27.25 3.33 21.53
C ASP A 203 -26.08 2.83 20.69
N VAL A 204 -25.00 3.61 20.62
CA VAL A 204 -23.83 3.17 19.86
C VAL A 204 -23.26 1.90 20.49
N ALA A 205 -23.19 1.84 21.83
CA ALA A 205 -22.69 0.63 22.48
C ALA A 205 -23.56 -0.57 22.12
N ALA A 206 -24.88 -0.39 22.08
CA ALA A 206 -25.77 -1.53 21.87
C ALA A 206 -25.76 -2.01 20.42
N THR A 207 -25.48 -1.14 19.47
CA THR A 207 -25.64 -1.49 18.06
C THR A 207 -24.32 -1.77 17.34
N THR A 208 -23.17 -1.40 17.90
CA THR A 208 -21.91 -1.56 17.20
C THR A 208 -21.38 -2.97 17.39
N ARG A 209 -21.15 -3.69 16.29
CA ARG A 209 -20.51 -4.99 16.36
C ARG A 209 -19.08 -4.84 16.83
N ILE A 210 -18.68 -5.67 17.78
CA ILE A 210 -17.30 -5.79 18.21
C ILE A 210 -16.89 -7.23 17.94
N ILE A 211 -15.99 -7.42 16.97
CA ILE A 211 -15.62 -8.75 16.54
C ILE A 211 -14.24 -9.09 17.07
N TYR A 212 -14.01 -10.39 17.23
CA TYR A 212 -12.79 -10.90 17.85
C TYR A 212 -11.75 -11.22 16.78
N GLY A 213 -10.55 -10.67 16.96
CA GLY A 213 -9.49 -10.82 15.98
C GLY A 213 -8.36 -11.74 16.39
N GLY A 214 -8.58 -12.58 17.40
CA GLY A 214 -7.61 -13.58 17.80
C GLY A 214 -7.79 -14.88 17.04
N SER A 215 -7.02 -15.88 17.46
CA SER A 215 -7.05 -17.17 16.78
C SER A 215 -8.38 -17.86 16.98
N VAL A 216 -9.01 -18.28 15.89
CA VAL A 216 -10.32 -18.93 15.92
C VAL A 216 -10.22 -20.28 15.22
N ASN A 217 -10.70 -21.33 15.89
CA ASN A 217 -10.64 -22.68 15.36
C ASN A 217 -11.91 -23.41 15.75
N GLY A 218 -11.95 -24.71 15.43
CA GLY A 218 -13.11 -25.52 15.79
C GLY A 218 -13.29 -25.71 17.27
N GLY A 219 -12.21 -25.59 18.05
CA GLY A 219 -12.31 -25.76 19.49
C GLY A 219 -12.88 -24.56 20.23
N ASN A 220 -12.91 -23.39 19.59
CA ASN A 220 -13.35 -22.19 20.28
C ASN A 220 -14.32 -21.31 19.48
N LYS A 221 -14.67 -21.68 18.25
CA LYS A 221 -15.49 -20.77 17.45
C LYS A 221 -16.89 -20.60 18.06
N LYS A 222 -17.51 -21.70 18.50
CA LYS A 222 -18.82 -21.62 19.14
C LYS A 222 -18.72 -20.92 20.49
N GLU A 223 -17.69 -21.24 21.26
CA GLU A 223 -17.54 -20.67 22.60
C GLU A 223 -17.27 -19.17 22.52
N LEU A 224 -16.47 -18.74 21.54
CA LEU A 224 -16.20 -17.32 21.37
C LEU A 224 -17.43 -16.59 20.84
N GLY A 225 -18.06 -17.13 19.79
CA GLY A 225 -19.17 -16.44 19.18
C GLY A 225 -20.35 -16.32 20.11
N GLY A 226 -20.52 -17.28 21.02
CA GLY A 226 -21.59 -17.25 21.99
C GLY A 226 -21.42 -16.27 23.13
N GLN A 227 -20.24 -15.66 23.27
CA GLN A 227 -20.06 -14.66 24.33
C GLN A 227 -20.95 -13.45 24.07
N ALA A 228 -21.42 -12.85 25.17
CA ALA A 228 -22.44 -11.81 25.09
C ALA A 228 -21.97 -10.61 24.29
N ASP A 229 -20.69 -10.26 24.36
CA ASP A 229 -20.23 -9.04 23.72
C ASP A 229 -19.30 -9.31 22.53
N VAL A 230 -19.22 -10.56 22.07
CA VAL A 230 -18.47 -10.92 20.87
C VAL A 230 -19.47 -11.09 19.74
N ASP A 231 -19.33 -10.29 18.69
CA ASP A 231 -20.31 -10.27 17.61
C ASP A 231 -19.78 -10.90 16.34
N GLY A 232 -18.67 -11.62 16.40
CA GLY A 232 -18.13 -12.24 15.21
C GLY A 232 -16.62 -12.27 15.27
N PHE A 233 -16.01 -12.38 14.09
CA PHE A 233 -14.59 -12.61 14.01
C PHE A 233 -13.95 -11.78 12.91
N LEU A 234 -12.72 -11.33 13.15
CA LEU A 234 -11.84 -10.89 12.08
C LEU A 234 -10.78 -11.98 11.95
N VAL A 235 -10.94 -12.81 10.93
CA VAL A 235 -10.09 -13.97 10.75
C VAL A 235 -8.81 -13.56 10.02
N GLY A 236 -7.69 -14.12 10.45
CA GLY A 236 -6.45 -13.93 9.73
C GLY A 236 -6.20 -15.00 8.68
N GLY A 237 -5.10 -15.75 8.87
CA GLY A 237 -4.63 -16.65 7.82
C GLY A 237 -5.62 -17.71 7.39
N ALA A 238 -6.49 -18.16 8.30
CA ALA A 238 -7.51 -19.14 7.96
C ALA A 238 -8.46 -18.62 6.89
N SER A 239 -8.50 -17.31 6.68
CA SER A 239 -9.40 -16.78 5.67
C SER A 239 -8.99 -17.18 4.26
N LEU A 240 -7.74 -17.62 4.07
CA LEU A 240 -7.31 -18.11 2.76
C LEU A 240 -7.77 -19.53 2.48
N LYS A 241 -8.27 -20.24 3.49
CA LYS A 241 -8.49 -21.68 3.46
C LYS A 241 -9.97 -22.01 3.52
N PRO A 242 -10.36 -23.22 3.11
CA PRO A 242 -11.78 -23.60 3.18
C PRO A 242 -12.36 -23.51 4.58
N GLU A 243 -11.51 -23.61 5.60
CA GLU A 243 -11.99 -23.56 6.98
C GLU A 243 -12.62 -22.22 7.31
N PHE A 244 -12.37 -21.18 6.51
CA PHE A 244 -13.08 -19.91 6.68
C PHE A 244 -14.59 -20.13 6.65
N ILE A 245 -15.05 -21.06 5.81
CA ILE A 245 -16.49 -21.31 5.70
C ILE A 245 -17.03 -21.86 7.02
N ASP A 246 -16.25 -22.70 7.71
CA ASP A 246 -16.68 -23.20 9.01
C ASP A 246 -16.76 -22.10 10.05
N ILE A 247 -15.94 -21.06 9.93
CA ILE A 247 -16.03 -19.93 10.85
C ILE A 247 -17.30 -19.14 10.57
N ILE A 248 -17.64 -18.93 9.31
CA ILE A 248 -18.91 -18.30 8.98
C ILE A 248 -20.05 -19.07 9.60
N LYS A 249 -19.98 -20.40 9.54
N LYS A 249 -19.98 -20.41 9.55
CA LYS A 249 -21.06 -21.24 10.05
CA LYS A 249 -21.04 -21.26 10.04
C LYS A 249 -21.23 -21.14 11.54
C LYS A 249 -21.17 -21.24 11.56
N ALA A 250 -20.26 -20.57 12.26
CA ALA A 250 -20.44 -20.37 13.69
C ALA A 250 -21.57 -19.38 14.00
N ALA A 251 -22.05 -18.63 13.01
CA ALA A 251 -23.14 -17.70 13.24
C ALA A 251 -24.43 -18.42 13.55
N GLU A 252 -24.57 -19.67 13.11
CA GLU A 252 -25.78 -20.44 13.41
C GLU A 252 -25.74 -20.89 14.86
N VAL A 253 -26.68 -20.41 15.67
CA VAL A 253 -26.73 -20.82 17.07
C VAL A 253 -28.06 -21.49 17.42
N MET B 4 28.91 1.30 -24.20
CA MET B 4 27.71 1.73 -24.93
C MET B 4 26.96 2.81 -24.14
N ALA B 5 26.46 3.82 -24.86
CA ALA B 5 25.80 4.93 -24.20
C ALA B 5 24.55 4.45 -23.46
N ARG B 6 24.22 5.16 -22.38
CA ARG B 6 23.09 4.79 -21.55
C ARG B 6 21.79 5.15 -22.24
N LYS B 7 20.84 4.20 -22.25
CA LYS B 7 19.58 4.42 -22.95
C LYS B 7 18.70 5.35 -22.14
N PHE B 8 18.20 6.42 -22.78
CA PHE B 8 17.31 7.36 -22.13
C PHE B 8 16.11 6.64 -21.51
N PHE B 9 15.73 7.08 -20.32
CA PHE B 9 14.70 6.42 -19.54
C PHE B 9 13.70 7.45 -19.04
N VAL B 10 12.41 7.21 -19.30
CA VAL B 10 11.36 8.12 -18.85
C VAL B 10 10.34 7.29 -18.08
N GLY B 11 10.22 7.57 -16.79
CA GLY B 11 9.22 6.92 -15.95
C GLY B 11 8.12 7.91 -15.60
N GLY B 12 6.88 7.42 -15.55
CA GLY B 12 5.77 8.26 -15.16
C GLY B 12 5.11 7.78 -13.88
N ASN B 13 5.25 8.56 -12.82
CA ASN B 13 4.72 8.19 -11.50
C ASN B 13 3.36 8.86 -11.34
N TRP B 14 2.30 8.05 -11.41
CA TRP B 14 0.95 8.60 -11.32
C TRP B 14 0.59 9.02 -9.90
N LYS B 15 1.35 8.56 -8.93
CA LYS B 15 1.12 8.81 -7.49
C LYS B 15 -0.28 8.33 -7.13
N CYS B 16 -0.91 8.96 -6.14
CA CYS B 16 -2.20 8.49 -5.66
C CYS B 16 -3.30 9.22 -6.43
N ASN B 17 -3.45 8.80 -7.68
CA ASN B 17 -4.36 9.45 -8.61
C ASN B 17 -4.93 8.41 -9.55
N GLY B 18 -6.17 8.63 -9.96
CA GLY B 18 -6.77 7.78 -10.96
C GLY B 18 -8.13 7.24 -10.61
N THR B 19 -8.99 7.21 -11.61
CA THR B 19 -10.26 6.51 -11.62
C THR B 19 -10.25 5.58 -12.82
N ALA B 20 -11.18 4.62 -12.83
CA ALA B 20 -11.25 3.69 -13.95
C ALA B 20 -11.37 4.44 -15.29
N GLU B 21 -12.23 5.47 -15.33
CA GLU B 21 -12.41 6.22 -16.57
C GLU B 21 -11.16 7.00 -16.93
N GLU B 22 -10.50 7.62 -15.93
CA GLU B 22 -9.29 8.40 -16.21
C GLU B 22 -8.16 7.50 -16.69
N VAL B 23 -8.04 6.31 -16.09
CA VAL B 23 -6.97 5.39 -16.47
C VAL B 23 -7.16 4.93 -17.92
N LYS B 24 -8.39 4.60 -18.30
CA LYS B 24 -8.66 4.23 -19.69
C LYS B 24 -8.23 5.33 -20.65
N LYS B 25 -8.53 6.59 -20.30
CA LYS B 25 -8.13 7.72 -21.14
C LYS B 25 -6.62 7.85 -21.22
N ILE B 26 -5.94 7.77 -20.08
CA ILE B 26 -4.48 7.89 -20.07
C ILE B 26 -3.87 6.79 -20.93
N VAL B 27 -4.36 5.56 -20.76
CA VAL B 27 -3.77 4.44 -21.48
C VAL B 27 -4.02 4.57 -22.98
N ASN B 28 -5.22 5.00 -23.36
N ASN B 28 -5.23 5.00 -23.37
CA ASN B 28 -5.52 5.18 -24.78
CA ASN B 28 -5.50 5.16 -24.79
C ASN B 28 -4.60 6.22 -25.40
C ASN B 28 -4.60 6.22 -25.41
N THR B 29 -4.38 7.32 -24.69
CA THR B 29 -3.52 8.37 -25.20
C THR B 29 -2.07 7.89 -25.33
N LEU B 30 -1.61 7.10 -24.38
CA LEU B 30 -0.28 6.50 -24.52
C LEU B 30 -0.24 5.53 -25.70
N ASN B 31 -1.31 4.76 -25.90
CA ASN B 31 -1.31 3.75 -26.95
C ASN B 31 -1.28 4.37 -28.33
N GLU B 32 -1.83 5.58 -28.46
CA GLU B 32 -1.84 6.31 -29.72
C GLU B 32 -0.59 7.15 -29.94
N ALA B 33 0.29 7.24 -28.94
CA ALA B 33 1.46 8.09 -29.04
C ALA B 33 2.45 7.52 -30.06
N GLN B 34 3.16 8.43 -30.73
CA GLN B 34 4.24 8.07 -31.65
C GLN B 34 5.50 8.71 -31.10
N VAL B 35 6.41 7.88 -30.59
CA VAL B 35 7.56 8.35 -29.83
C VAL B 35 8.84 7.74 -30.39
N PRO B 36 10.02 8.14 -29.94
CA PRO B 36 11.25 7.50 -30.44
C PRO B 36 11.26 6.00 -30.18
N SER B 37 12.10 5.29 -30.94
CA SER B 37 12.13 3.84 -30.90
C SER B 37 12.57 3.32 -29.54
N GLN B 38 12.30 2.03 -29.30
N GLN B 38 12.31 2.03 -29.29
CA GLN B 38 12.74 1.34 -28.10
CA GLN B 38 12.76 1.40 -28.06
C GLN B 38 14.26 1.35 -27.95
C GLN B 38 14.26 1.34 -27.94
N ASP B 39 14.99 1.49 -29.05
CA ASP B 39 16.45 1.59 -28.97
C ASP B 39 16.88 2.93 -28.39
N VAL B 40 16.02 3.94 -28.47
CA VAL B 40 16.33 5.31 -28.08
C VAL B 40 15.80 5.64 -26.69
N VAL B 41 14.63 5.11 -26.31
CA VAL B 41 14.05 5.48 -25.02
C VAL B 41 13.31 4.28 -24.45
N GLU B 42 13.41 4.14 -23.13
CA GLU B 42 12.71 3.13 -22.35
C GLU B 42 11.65 3.85 -21.52
N VAL B 43 10.39 3.42 -21.63
CA VAL B 43 9.25 4.13 -21.03
C VAL B 43 8.57 3.22 -20.01
N VAL B 44 8.41 3.72 -18.77
CA VAL B 44 7.76 2.99 -17.69
C VAL B 44 6.66 3.88 -17.10
N VAL B 45 5.48 3.31 -16.87
CA VAL B 45 4.38 4.06 -16.26
C VAL B 45 3.95 3.35 -14.98
N SER B 46 3.60 4.13 -13.96
CA SER B 46 3.38 3.56 -12.63
C SER B 46 2.04 3.96 -12.05
N PRO B 47 1.02 3.12 -12.20
CA PRO B 47 -0.30 3.41 -11.62
C PRO B 47 -0.39 2.93 -10.19
N PRO B 48 -1.40 3.39 -9.45
CA PRO B 48 -1.68 2.82 -8.13
C PRO B 48 -1.95 1.32 -8.19
N TYR B 49 -1.73 0.65 -7.06
CA TYR B 49 -1.82 -0.81 -7.01
C TYR B 49 -3.10 -1.33 -7.67
N VAL B 50 -4.24 -0.72 -7.34
CA VAL B 50 -5.54 -1.23 -7.74
C VAL B 50 -5.76 -1.18 -9.24
N PHE B 51 -4.91 -0.46 -9.97
CA PHE B 51 -5.00 -0.34 -11.41
C PHE B 51 -3.89 -1.08 -12.15
N LEU B 52 -3.00 -1.76 -11.43
CA LEU B 52 -1.90 -2.44 -12.11
C LEU B 52 -2.40 -3.51 -13.08
N PRO B 53 -3.34 -4.39 -12.72
CA PRO B 53 -3.80 -5.36 -13.73
C PRO B 53 -4.48 -4.70 -14.91
N LEU B 54 -5.27 -3.66 -14.68
CA LEU B 54 -5.95 -2.99 -15.79
C LEU B 54 -4.94 -2.39 -16.76
N VAL B 55 -3.96 -1.64 -16.22
CA VAL B 55 -2.99 -1.00 -17.10
C VAL B 55 -2.14 -2.05 -17.82
N LYS B 56 -1.67 -3.08 -17.11
CA LYS B 56 -0.87 -4.11 -17.77
C LYS B 56 -1.65 -4.81 -18.87
N SER B 57 -2.96 -4.99 -18.68
CA SER B 57 -3.77 -5.70 -19.67
C SER B 57 -4.07 -4.84 -20.89
N THR B 58 -3.93 -3.51 -20.81
CA THR B 58 -4.35 -2.65 -21.90
C THR B 58 -3.26 -1.78 -22.49
N LEU B 59 -2.12 -1.62 -21.81
CA LEU B 59 -1.08 -0.75 -22.32
C LEU B 59 -0.26 -1.41 -23.43
N ARG B 60 0.16 -0.59 -24.40
CA ARG B 60 1.07 -1.02 -25.46
C ARG B 60 2.25 -1.80 -24.89
N SER B 61 2.64 -2.88 -25.58
CA SER B 61 3.60 -3.82 -25.01
C SER B 61 5.02 -3.26 -24.96
N ASP B 62 5.30 -2.15 -25.64
CA ASP B 62 6.62 -1.54 -25.61
C ASP B 62 6.75 -0.45 -24.55
N PHE B 63 5.69 -0.15 -23.80
CA PHE B 63 5.79 0.61 -22.56
C PHE B 63 5.64 -0.39 -21.43
N PHE B 64 6.29 -0.13 -20.30
CA PHE B 64 6.31 -1.09 -19.22
C PHE B 64 5.64 -0.52 -17.97
N VAL B 65 5.17 -1.42 -17.10
CA VAL B 65 4.37 -1.04 -15.93
C VAL B 65 5.21 -1.20 -14.66
N ALA B 66 5.10 -0.23 -13.76
CA ALA B 66 5.76 -0.26 -12.45
C ALA B 66 4.73 -0.14 -11.34
N ALA B 67 4.94 -0.87 -10.25
CA ALA B 67 4.27 -0.53 -9.01
C ALA B 67 4.97 0.66 -8.36
N GLN B 68 4.23 1.41 -7.53
CA GLN B 68 4.78 2.57 -6.85
C GLN B 68 5.50 2.23 -5.54
N ASN B 69 5.49 0.97 -5.12
CA ASN B 69 6.06 0.51 -3.85
C ASN B 69 5.91 -1.00 -3.81
N CYS B 70 6.64 -1.64 -2.90
CA CYS B 70 6.33 -3.01 -2.56
C CYS B 70 6.91 -3.28 -1.19
N TRP B 71 6.59 -4.44 -0.64
CA TRP B 71 7.01 -4.80 0.70
C TRP B 71 8.50 -5.17 0.75
N VAL B 72 9.07 -5.12 1.95
CA VAL B 72 10.51 -5.28 2.15
C VAL B 72 10.96 -6.73 2.09
N LYS B 73 10.05 -7.70 2.20
CA LYS B 73 10.45 -9.10 2.24
C LYS B 73 9.28 -9.97 1.76
N LYS B 74 9.41 -11.27 1.97
CA LYS B 74 8.39 -12.23 1.57
C LYS B 74 7.04 -11.85 2.20
N GLY B 75 5.97 -12.16 1.48
CA GLY B 75 4.64 -11.92 1.99
C GLY B 75 4.30 -12.69 3.25
N GLY B 76 3.10 -12.44 3.75
CA GLY B 76 2.64 -13.06 4.97
C GLY B 76 1.80 -12.09 5.77
N ALA B 77 2.10 -11.96 7.06
CA ALA B 77 1.24 -11.22 8.00
C ALA B 77 1.62 -9.74 8.00
N PHE B 78 1.32 -9.08 6.86
CA PHE B 78 1.67 -7.68 6.67
C PHE B 78 0.48 -6.99 6.02
N THR B 79 -0.60 -6.86 6.80
CA THR B 79 -1.86 -6.32 6.31
C THR B 79 -1.64 -4.99 5.61
N GLY B 80 -2.19 -4.87 4.39
CA GLY B 80 -2.10 -3.64 3.63
C GLY B 80 -0.93 -3.58 2.66
N GLU B 81 0.03 -4.48 2.75
CA GLU B 81 1.21 -4.42 1.90
C GLU B 81 1.09 -5.35 0.70
N VAL B 82 1.90 -5.06 -0.32
CA VAL B 82 1.93 -5.81 -1.57
C VAL B 82 3.35 -6.33 -1.77
N SER B 83 3.51 -7.64 -1.87
CA SER B 83 4.85 -8.20 -1.95
C SER B 83 5.39 -8.16 -3.38
N ALA B 84 6.72 -8.22 -3.49
CA ALA B 84 7.35 -8.26 -4.80
C ALA B 84 6.90 -9.49 -5.58
N GLU B 85 6.72 -10.64 -4.91
CA GLU B 85 6.32 -11.82 -5.66
C GLU B 85 4.89 -11.71 -6.16
N MET B 86 4.04 -10.92 -5.49
N MET B 86 4.06 -10.90 -5.50
CA MET B 86 2.72 -10.61 -6.03
CA MET B 86 2.73 -10.63 -6.03
C MET B 86 2.84 -9.88 -7.35
C MET B 86 2.82 -9.85 -7.33
N LEU B 87 3.73 -8.88 -7.40
CA LEU B 87 3.93 -8.13 -8.62
C LEU B 87 4.46 -9.02 -9.73
N VAL B 88 5.38 -9.93 -9.39
CA VAL B 88 5.87 -10.86 -10.41
C VAL B 88 4.75 -11.77 -10.89
N ASN B 89 3.89 -12.23 -9.97
CA ASN B 89 2.77 -13.08 -10.37
C ASN B 89 1.83 -12.37 -11.35
N LEU B 90 1.69 -11.06 -11.20
CA LEU B 90 0.84 -10.26 -12.08
C LEU B 90 1.59 -9.71 -13.29
N ASP B 91 2.82 -10.16 -13.51
CA ASP B 91 3.61 -9.76 -14.69
C ASP B 91 3.82 -8.24 -14.71
N ILE B 92 4.08 -7.67 -13.54
CA ILE B 92 4.47 -6.27 -13.42
C ILE B 92 5.99 -6.24 -13.32
N PRO B 93 6.72 -5.67 -14.30
CA PRO B 93 8.18 -5.85 -14.31
C PRO B 93 8.97 -4.87 -13.46
N TRP B 94 8.42 -3.71 -13.09
CA TRP B 94 9.16 -2.63 -12.45
C TRP B 94 8.53 -2.27 -11.11
N VAL B 95 9.33 -1.64 -10.24
CA VAL B 95 8.80 -1.05 -9.01
C VAL B 95 9.62 0.20 -8.70
N ILE B 96 8.91 1.25 -8.25
CA ILE B 96 9.53 2.46 -7.70
C ILE B 96 9.74 2.24 -6.21
N LEU B 97 10.97 2.48 -5.73
CA LEU B 97 11.25 2.28 -4.32
C LEU B 97 11.96 3.49 -3.75
N GLY B 98 11.58 3.88 -2.53
CA GLY B 98 12.24 4.98 -1.85
C GLY B 98 11.84 6.35 -2.32
N HIS B 99 10.70 6.47 -3.01
CA HIS B 99 10.23 7.78 -3.44
C HIS B 99 10.24 8.76 -2.27
N SER B 100 10.55 10.03 -2.59
CA SER B 100 10.70 11.05 -1.55
C SER B 100 9.47 11.13 -0.65
N GLU B 101 8.28 10.96 -1.21
CA GLU B 101 7.06 11.04 -0.41
C GLU B 101 6.98 9.90 0.60
N ARG B 102 7.51 8.72 0.27
CA ARG B 102 7.51 7.62 1.23
C ARG B 102 8.61 7.80 2.26
N ARG B 103 9.76 8.35 1.87
CA ARG B 103 10.82 8.60 2.84
C ARG B 103 10.39 9.65 3.85
N ALA B 104 9.66 10.67 3.41
CA ALA B 104 9.28 11.80 4.28
C ALA B 104 7.97 11.54 5.02
N ILE B 105 6.88 11.32 4.28
CA ILE B 105 5.57 11.20 4.92
C ILE B 105 5.41 9.87 5.63
N LEU B 106 5.90 8.79 5.03
CA LEU B 106 5.77 7.45 5.61
C LEU B 106 7.04 6.99 6.32
N ASN B 107 8.04 7.87 6.42
CA ASN B 107 9.24 7.64 7.25
C ASN B 107 9.98 6.36 6.89
N GLU B 108 10.05 6.05 5.59
CA GLU B 108 10.90 4.95 5.15
C GLU B 108 12.37 5.35 5.27
N SER B 109 13.12 4.58 6.04
CA SER B 109 14.53 4.86 6.21
C SER B 109 15.33 4.36 5.02
N SER B 110 16.59 4.82 4.92
CA SER B 110 17.44 4.41 3.81
C SER B 110 17.72 2.91 3.85
N GLU B 111 17.80 2.34 5.04
CA GLU B 111 18.05 0.91 5.18
C GLU B 111 16.81 0.09 4.79
N PHE B 112 15.63 0.57 5.21
CA PHE B 112 14.37 -0.03 4.79
C PHE B 112 14.25 -0.02 3.27
N VAL B 113 14.55 1.12 2.65
CA VAL B 113 14.54 1.22 1.19
C VAL B 113 15.55 0.28 0.58
N GLY B 114 16.79 0.28 1.11
CA GLY B 114 17.79 -0.61 0.57
C GLY B 114 17.38 -2.07 0.65
N ASP B 115 16.77 -2.47 1.77
CA ASP B 115 16.29 -3.85 1.88
C ASP B 115 15.18 -4.13 0.86
N LYS B 116 14.32 -3.14 0.60
CA LYS B 116 13.29 -3.32 -0.43
C LYS B 116 13.91 -3.52 -1.81
N VAL B 117 14.91 -2.70 -2.15
CA VAL B 117 15.56 -2.82 -3.45
C VAL B 117 16.16 -4.21 -3.61
N ALA B 118 16.93 -4.67 -2.61
CA ALA B 118 17.55 -5.98 -2.72
C ALA B 118 16.53 -7.07 -2.88
N TYR B 119 15.43 -7.02 -2.11
CA TYR B 119 14.45 -8.10 -2.20
C TYR B 119 13.72 -8.04 -3.54
N ALA B 120 13.37 -6.84 -4.00
CA ALA B 120 12.72 -6.72 -5.30
C ALA B 120 13.61 -7.25 -6.41
N LEU B 121 14.90 -6.92 -6.38
CA LEU B 121 15.81 -7.44 -7.39
C LEU B 121 15.92 -8.95 -7.31
N ALA B 122 15.93 -9.49 -6.09
CA ALA B 122 16.04 -10.93 -5.93
C ALA B 122 14.82 -11.67 -6.47
N GLN B 123 13.67 -11.01 -6.54
CA GLN B 123 12.49 -11.63 -7.13
C GLN B 123 12.41 -11.43 -8.64
N GLY B 124 13.35 -10.73 -9.24
CA GLY B 124 13.35 -10.53 -10.67
C GLY B 124 12.77 -9.20 -11.13
N LEU B 125 12.38 -8.33 -10.20
CA LEU B 125 11.88 -7.03 -10.62
C LEU B 125 13.02 -6.09 -10.99
N LYS B 126 12.69 -5.11 -11.82
CA LYS B 126 13.58 -3.98 -12.09
C LYS B 126 13.14 -2.82 -11.21
N VAL B 127 14.10 -2.02 -10.76
CA VAL B 127 13.84 -1.07 -9.68
C VAL B 127 14.22 0.33 -10.12
N ILE B 128 13.32 1.27 -9.92
CA ILE B 128 13.64 2.70 -9.94
C ILE B 128 13.87 3.08 -8.49
N ALA B 129 15.14 3.26 -8.11
CA ALA B 129 15.51 3.56 -6.73
C ALA B 129 15.69 5.07 -6.59
N CYS B 130 14.92 5.68 -5.68
CA CYS B 130 14.87 7.14 -5.56
C CYS B 130 15.73 7.62 -4.40
N VAL B 131 16.45 8.72 -4.65
CA VAL B 131 17.23 9.42 -3.63
C VAL B 131 16.93 10.90 -3.74
N GLY B 132 17.30 11.64 -2.69
CA GLY B 132 17.13 13.09 -2.75
C GLY B 132 17.14 13.75 -1.38
N GLU B 133 17.66 14.97 -1.32
CA GLU B 133 17.80 15.69 -0.06
C GLU B 133 16.71 16.76 0.07
N THR B 134 16.37 17.06 1.32
CA THR B 134 15.34 18.05 1.60
C THR B 134 15.92 19.47 1.47
N LEU B 135 15.07 20.47 1.67
CA LEU B 135 15.53 21.85 1.69
C LEU B 135 16.47 22.09 2.87
N GLU B 136 16.08 21.63 4.06
CA GLU B 136 16.94 21.77 5.22
C GLU B 136 18.30 21.12 4.98
N GLU B 137 18.31 19.92 4.40
CA GLU B 137 19.56 19.22 4.16
C GLU B 137 20.42 19.96 3.15
N ARG B 138 19.82 20.60 2.15
CA ARG B 138 20.62 21.32 1.15
C ARG B 138 21.18 22.60 1.72
N GLU B 139 20.36 23.35 2.47
CA GLU B 139 20.84 24.60 3.06
C GLU B 139 21.88 24.34 4.13
N ALA B 140 21.86 23.17 4.75
CA ALA B 140 22.92 22.76 5.66
C ALA B 140 24.17 22.29 4.92
N GLY B 141 24.17 22.33 3.58
CA GLY B 141 25.30 21.86 2.81
C GLY B 141 25.49 20.37 2.83
N SER B 142 24.43 19.59 3.05
CA SER B 142 24.53 18.14 3.20
C SER B 142 24.03 17.38 1.98
N THR B 143 23.94 18.03 0.82
CA THR B 143 23.33 17.40 -0.35
C THR B 143 24.02 16.08 -0.70
N MET B 144 25.32 16.12 -0.97
CA MET B 144 26.00 14.90 -1.38
C MET B 144 26.20 13.94 -0.22
N ASP B 145 26.28 14.46 1.01
CA ASP B 145 26.33 13.58 2.18
C ASP B 145 25.05 12.75 2.28
N VAL B 146 23.89 13.39 2.09
CA VAL B 146 22.62 12.69 2.17
C VAL B 146 22.46 11.72 1.01
N VAL B 147 22.69 12.19 -0.22
CA VAL B 147 22.48 11.34 -1.39
C VAL B 147 23.45 10.17 -1.41
N ALA B 148 24.70 10.39 -0.98
CA ALA B 148 25.64 9.27 -0.92
C ALA B 148 25.22 8.25 0.14
N ALA B 149 24.71 8.73 1.28
CA ALA B 149 24.27 7.83 2.32
C ALA B 149 23.05 7.02 1.89
N GLN B 150 22.11 7.67 1.21
CA GLN B 150 20.95 6.95 0.67
C GLN B 150 21.39 5.92 -0.37
N THR B 151 22.31 6.31 -1.25
CA THR B 151 22.81 5.38 -2.26
C THR B 151 23.63 4.26 -1.64
N LYS B 152 24.46 4.59 -0.64
CA LYS B 152 25.28 3.56 0.00
C LYS B 152 24.43 2.47 0.64
N ALA B 153 23.32 2.86 1.28
CA ALA B 153 22.45 1.87 1.92
C ALA B 153 21.94 0.86 0.90
N ILE B 154 21.66 1.32 -0.32
CA ILE B 154 21.27 0.43 -1.40
C ILE B 154 22.46 -0.40 -1.88
N ALA B 155 23.59 0.28 -2.15
CA ALA B 155 24.75 -0.41 -2.70
C ALA B 155 25.21 -1.55 -1.80
N ASP B 156 25.16 -1.34 -0.49
CA ASP B 156 25.62 -2.36 0.45
C ASP B 156 24.77 -3.62 0.40
N ARG B 157 23.53 -3.51 -0.06
CA ARG B 157 22.57 -4.60 0.03
C ARG B 157 22.29 -5.32 -1.29
N VAL B 158 22.61 -4.72 -2.43
CA VAL B 158 22.35 -5.35 -3.72
C VAL B 158 23.56 -6.16 -4.15
N THR B 159 23.33 -7.10 -5.06
CA THR B 159 24.40 -7.89 -5.67
C THR B 159 24.54 -7.62 -7.16
N ASN B 160 23.66 -6.81 -7.74
CA ASN B 160 23.65 -6.58 -9.18
C ASN B 160 22.95 -5.25 -9.43
N TRP B 161 23.59 -4.38 -10.21
CA TRP B 161 23.03 -3.08 -10.56
C TRP B 161 22.40 -3.06 -11.94
N SER B 162 22.42 -4.17 -12.67
CA SER B 162 21.97 -4.17 -14.06
C SER B 162 20.53 -3.69 -14.20
N ASN B 163 19.67 -4.10 -13.28
CA ASN B 163 18.25 -3.77 -13.35
C ASN B 163 17.86 -2.64 -12.40
N VAL B 164 18.78 -1.73 -12.12
CA VAL B 164 18.51 -0.59 -11.27
C VAL B 164 18.62 0.69 -12.08
N VAL B 165 17.66 1.59 -11.90
CA VAL B 165 17.74 2.97 -12.35
C VAL B 165 17.65 3.85 -11.12
N ILE B 166 18.60 4.79 -10.97
CA ILE B 166 18.54 5.73 -9.84
C ILE B 166 17.80 6.98 -10.29
N ALA B 167 16.86 7.44 -9.47
CA ALA B 167 16.16 8.69 -9.70
C ALA B 167 16.57 9.70 -8.62
N TYR B 168 17.17 10.81 -9.04
CA TYR B 168 17.48 11.89 -8.11
C TYR B 168 16.30 12.85 -8.04
N GLU B 169 15.74 13.01 -6.85
CA GLU B 169 14.63 13.93 -6.63
C GLU B 169 15.14 15.16 -5.88
N PRO B 170 15.16 16.35 -6.49
CA PRO B 170 15.50 17.57 -5.73
C PRO B 170 14.32 18.03 -4.87
N VAL B 171 14.13 17.34 -3.74
CA VAL B 171 13.00 17.60 -2.85
C VAL B 171 13.00 19.04 -2.37
N TRP B 172 14.19 19.64 -2.23
CA TRP B 172 14.30 21.02 -1.79
C TRP B 172 13.63 22.00 -2.74
N ALA B 173 13.37 21.59 -3.98
CA ALA B 173 12.72 22.46 -4.95
C ALA B 173 11.23 22.17 -5.12
N ILE B 174 10.80 20.93 -4.85
CA ILE B 174 9.41 20.57 -5.04
C ILE B 174 8.57 21.22 -3.93
N GLY B 175 7.67 22.10 -4.34
CA GLY B 175 6.74 22.72 -3.40
C GLY B 175 7.34 23.73 -2.46
N THR B 176 8.64 23.99 -2.52
CA THR B 176 9.25 25.00 -1.68
C THR B 176 9.22 26.40 -2.30
N GLY B 177 8.84 26.50 -3.57
CA GLY B 177 8.98 27.72 -4.33
C GLY B 177 10.28 27.81 -5.10
N LYS B 178 11.34 27.19 -4.59
CA LYS B 178 12.62 27.18 -5.29
C LYS B 178 12.49 26.39 -6.60
N VAL B 179 13.43 26.64 -7.51
CA VAL B 179 13.46 26.02 -8.82
C VAL B 179 14.89 25.58 -9.10
N ALA B 180 15.07 24.30 -9.39
CA ALA B 180 16.39 23.76 -9.68
C ALA B 180 16.75 23.98 -11.14
N SER B 181 17.96 24.36 -11.39
CA SER B 181 18.46 24.61 -12.73
C SER B 181 19.06 23.34 -13.32
N PRO B 182 19.08 23.21 -14.65
CA PRO B 182 19.76 22.05 -15.25
C PRO B 182 21.18 21.90 -14.78
N ALA B 183 21.87 23.00 -14.51
CA ALA B 183 23.24 22.90 -14.00
C ALA B 183 23.26 22.31 -12.60
N GLN B 184 22.32 22.71 -11.74
CA GLN B 184 22.24 22.13 -10.40
C GLN B 184 21.97 20.63 -10.48
N ALA B 185 21.08 20.22 -11.38
CA ALA B 185 20.79 18.80 -11.54
C ALA B 185 22.02 18.04 -12.02
N GLN B 186 22.68 18.55 -13.06
CA GLN B 186 23.90 17.93 -13.55
C GLN B 186 24.94 17.81 -12.44
N GLU B 187 25.01 18.81 -11.56
CA GLU B 187 25.98 18.79 -10.48
C GLU B 187 25.78 17.58 -9.56
N VAL B 188 24.53 17.33 -9.18
CA VAL B 188 24.25 16.19 -8.30
C VAL B 188 24.44 14.88 -9.03
N HIS B 189 23.98 14.79 -10.28
CA HIS B 189 24.11 13.55 -11.06
C HIS B 189 25.57 13.18 -11.26
N ASP B 190 26.40 14.17 -11.65
CA ASP B 190 27.82 13.91 -11.82
C ASP B 190 28.44 13.37 -10.54
N GLU B 191 28.17 14.04 -9.41
CA GLU B 191 28.74 13.61 -8.14
C GLU B 191 28.26 12.22 -7.76
N LEU B 192 26.97 11.92 -8.02
CA LEU B 192 26.44 10.61 -7.70
C LEU B 192 27.10 9.53 -8.55
N ARG B 193 27.27 9.78 -9.85
CA ARG B 193 27.93 8.80 -10.70
C ARG B 193 29.39 8.62 -10.27
N LYS B 194 30.03 9.72 -9.87
CA LYS B 194 31.40 9.63 -9.36
C LYS B 194 31.44 8.76 -8.10
N TRP B 195 30.47 8.92 -7.21
CA TRP B 195 30.38 8.05 -6.04
C TRP B 195 30.29 6.59 -6.44
N LEU B 196 29.46 6.28 -7.44
CA LEU B 196 29.32 4.91 -7.90
C LEU B 196 30.64 4.37 -8.44
N ALA B 197 31.36 5.17 -9.23
CA ALA B 197 32.62 4.70 -9.80
C ALA B 197 33.62 4.37 -8.70
N LYS B 198 33.67 5.23 -7.67
CA LYS B 198 34.61 5.04 -6.58
C LYS B 198 34.21 3.86 -5.69
N ASN B 199 32.91 3.74 -5.37
CA ASN B 199 32.49 2.83 -4.31
C ASN B 199 31.88 1.52 -4.81
N VAL B 200 31.51 1.42 -6.08
CA VAL B 200 30.96 0.18 -6.59
C VAL B 200 31.87 -0.37 -7.69
N SER B 201 31.86 0.30 -8.85
CA SER B 201 32.77 -0.03 -9.93
C SER B 201 32.63 1.03 -11.00
N ALA B 202 33.68 1.15 -11.82
CA ALA B 202 33.62 2.06 -12.96
C ALA B 202 32.55 1.62 -13.94
N ASP B 203 32.44 0.31 -14.16
CA ASP B 203 31.43 -0.21 -15.09
C ASP B 203 30.03 0.12 -14.61
N VAL B 204 29.76 -0.04 -13.31
CA VAL B 204 28.43 0.27 -12.78
C VAL B 204 28.12 1.75 -12.95
N ALA B 205 29.09 2.61 -12.68
CA ALA B 205 28.88 4.04 -12.85
C ALA B 205 28.62 4.39 -14.31
N ALA B 206 29.32 3.73 -15.24
CA ALA B 206 29.17 4.06 -16.66
C ALA B 206 27.82 3.60 -17.21
N THR B 207 27.25 2.52 -16.66
CA THR B 207 26.09 1.90 -17.27
C THR B 207 24.78 2.21 -16.56
N THR B 208 24.81 2.70 -15.34
CA THR B 208 23.60 2.89 -14.56
C THR B 208 22.93 4.20 -14.96
N ARG B 209 21.66 4.12 -15.36
CA ARG B 209 20.90 5.33 -15.66
C ARG B 209 20.62 6.09 -14.37
N ILE B 210 20.87 7.40 -14.39
CA ILE B 210 20.50 8.27 -13.28
C ILE B 210 19.55 9.32 -13.86
N ILE B 211 18.27 9.21 -13.48
CA ILE B 211 17.23 10.04 -14.09
C ILE B 211 16.86 11.16 -13.13
N TYR B 212 16.39 12.26 -13.70
CA TYR B 212 16.06 13.45 -12.95
C TYR B 212 14.59 13.43 -12.52
N GLY B 213 14.34 13.59 -11.23
CA GLY B 213 13.00 13.55 -10.70
C GLY B 213 12.41 14.90 -10.33
N GLY B 214 13.02 16.01 -10.75
CA GLY B 214 12.48 17.32 -10.49
C GLY B 214 11.51 17.75 -11.57
N SER B 215 11.11 19.01 -11.49
CA SER B 215 10.11 19.54 -12.41
C SER B 215 10.64 19.54 -13.84
N VAL B 216 9.93 18.83 -14.73
CA VAL B 216 10.31 18.76 -16.14
C VAL B 216 9.12 19.19 -16.97
N ASN B 217 9.37 20.05 -17.95
CA ASN B 217 8.34 20.52 -18.85
C ASN B 217 8.94 20.72 -20.23
N GLY B 218 8.13 21.19 -21.17
CA GLY B 218 8.63 21.39 -22.52
C GLY B 218 9.78 22.39 -22.59
N GLY B 219 9.83 23.32 -21.64
CA GLY B 219 10.82 24.38 -21.71
C GLY B 219 12.22 23.91 -21.32
N ASN B 220 12.32 23.02 -20.34
CA ASN B 220 13.63 22.60 -19.84
C ASN B 220 13.99 21.16 -20.17
N LYS B 221 13.11 20.43 -20.88
CA LYS B 221 13.36 19.01 -21.09
C LYS B 221 14.60 18.77 -21.94
N LYS B 222 14.80 19.56 -23.00
CA LYS B 222 15.97 19.38 -23.85
C LYS B 222 17.26 19.68 -23.08
N GLU B 223 17.29 20.80 -22.36
CA GLU B 223 18.50 21.17 -21.63
C GLU B 223 18.79 20.20 -20.49
N LEU B 224 17.75 19.71 -19.81
CA LEU B 224 17.93 18.72 -18.75
C LEU B 224 18.42 17.40 -19.32
N GLY B 225 17.74 16.89 -20.34
CA GLY B 225 18.11 15.60 -20.91
C GLY B 225 19.48 15.60 -21.54
N GLY B 226 19.91 16.75 -22.04
CA GLY B 226 21.22 16.87 -22.67
C GLY B 226 22.40 16.94 -21.72
N GLN B 227 22.15 17.03 -20.41
CA GLN B 227 23.25 17.05 -19.45
C GLN B 227 24.00 15.73 -19.49
N ALA B 228 25.31 15.81 -19.22
CA ALA B 228 26.16 14.65 -19.43
C ALA B 228 25.73 13.47 -18.57
N ASP B 229 25.26 13.74 -17.36
CA ASP B 229 24.99 12.68 -16.40
C ASP B 229 23.51 12.56 -16.07
N VAL B 230 22.64 13.13 -16.90
CA VAL B 230 21.19 13.00 -16.75
C VAL B 230 20.69 12.09 -17.86
N ASP B 231 20.09 10.96 -17.48
CA ASP B 231 19.76 9.91 -18.43
C ASP B 231 18.26 9.79 -18.67
N GLY B 232 17.48 10.79 -18.27
CA GLY B 232 16.04 10.74 -18.42
C GLY B 232 15.36 11.36 -17.24
N PHE B 233 14.08 10.98 -17.04
CA PHE B 233 13.23 11.65 -16.06
C PHE B 233 12.38 10.65 -15.29
N LEU B 234 12.15 10.95 -14.02
CA LEU B 234 11.03 10.39 -13.26
C LEU B 234 9.99 11.50 -13.15
N VAL B 235 8.90 11.38 -13.90
CA VAL B 235 7.89 12.42 -14.03
C VAL B 235 6.83 12.21 -12.97
N GLY B 236 6.41 13.29 -12.32
CA GLY B 236 5.30 13.23 -11.39
C GLY B 236 3.96 13.47 -12.07
N GLY B 237 3.30 14.56 -11.69
CA GLY B 237 1.92 14.79 -12.10
C GLY B 237 1.70 14.85 -13.60
N ALA B 238 2.68 15.37 -14.36
CA ALA B 238 2.56 15.43 -15.80
C ALA B 238 2.40 14.04 -16.41
N SER B 239 2.76 12.98 -15.66
CA SER B 239 2.59 11.65 -16.22
C SER B 239 1.12 11.24 -16.39
N LEU B 240 0.19 11.98 -15.78
CA LEU B 240 -1.23 11.71 -16.00
C LEU B 240 -1.77 12.38 -17.26
N LYS B 241 -0.97 13.20 -17.92
CA LYS B 241 -1.42 14.17 -18.91
C LYS B 241 -0.81 13.89 -20.27
N PRO B 242 -1.41 14.41 -21.34
CA PRO B 242 -0.82 14.22 -22.68
C PRO B 242 0.61 14.70 -22.80
N GLU B 243 1.01 15.71 -22.03
CA GLU B 243 2.35 16.25 -22.16
C GLU B 243 3.42 15.24 -21.75
N PHE B 244 3.04 14.17 -21.03
CA PHE B 244 3.98 13.08 -20.80
C PHE B 244 4.61 12.60 -22.10
N ILE B 245 3.83 12.55 -23.18
CA ILE B 245 4.37 12.12 -24.47
C ILE B 245 5.44 13.08 -24.96
N ASP B 246 5.23 14.39 -24.74
N ASP B 246 5.27 14.38 -24.72
CA ASP B 246 6.24 15.38 -25.08
CA ASP B 246 6.30 15.32 -25.15
C ASP B 246 7.54 15.12 -24.33
C ASP B 246 7.56 15.19 -24.31
N ILE B 247 7.45 14.71 -23.06
CA ILE B 247 8.63 14.45 -22.27
C ILE B 247 9.36 13.21 -22.80
N ILE B 248 8.63 12.18 -23.21
CA ILE B 248 9.28 11.03 -23.84
C ILE B 248 10.06 11.47 -25.06
N LYS B 249 9.49 12.40 -25.84
CA LYS B 249 10.11 12.86 -27.08
C LYS B 249 11.42 13.61 -26.84
N ALA B 250 11.73 14.00 -25.60
CA ALA B 250 13.04 14.61 -25.32
C ALA B 250 14.18 13.65 -25.58
N ALA B 251 13.90 12.34 -25.66
CA ALA B 251 14.95 11.37 -25.93
C ALA B 251 15.54 11.55 -27.32
N GLU B 252 14.80 12.12 -28.25
CA GLU B 252 15.32 12.30 -29.61
C GLU B 252 16.31 13.45 -29.62
N VAL B 253 17.57 13.16 -29.98
CA VAL B 253 18.61 14.18 -29.97
C VAL B 253 19.22 14.36 -31.35
NA NA C . -22.07 -13.24 20.73
NA NA D . 21.97 13.17 -20.90
#